data_2BSA
#
_entry.id   2BSA
#
_cell.length_a   87.154
_cell.length_b   87.154
_cell.length_c   96.815
_cell.angle_alpha   90.00
_cell.angle_beta   90.00
_cell.angle_gamma   120.00
#
_symmetry.space_group_name_H-M   'P 65'
#
loop_
_entity.id
_entity.type
_entity.pdbx_description
1 polymer 'FERREDOXIN-NADP REDUCTASE'
2 non-polymer 'FLAVIN-ADENINE DINUCLEOTIDE'
3 non-polymer 'NADP NICOTINAMIDE-ADENINE-DINUCLEOTIDE PHOSPHATE'
4 water water
#
_entity_poly.entity_id   1
_entity_poly.type   'polypeptide(L)'
_entity_poly.pdbx_seq_one_letter_code
;TQAKAKHADVPVNLYRPNAPFIGKVISNEPLVKEGGIGIVQHIKFDLTGGNLKYIEGQSIGIIPPGVDKNGKPEKLRLYS
IASTRHGDDVDDKTISLCVRQLEYKHPESGATVYGVCSTYLTHIEPGSEVKITGPVGKEMLLPDDPEANVIMLATGTGIA
PMRTYLWRMFKDAERAANPEYQFKGFSWLVFGVPTTPNILYKEELEEIQQKYPDNFRLTYAISREQKNPQGGRMYIQDRV
AEHADQLWQLIKNQKTHTYICGLRGMEEGIDAALSAAAAKEGVTWSDYQKDLKKAGRWHVETS
;
_entity_poly.pdbx_strand_id   A
#
loop_
_chem_comp.id
_chem_comp.type
_chem_comp.name
_chem_comp.formula
FAD non-polymer 'FLAVIN-ADENINE DINUCLEOTIDE' 'C27 H33 N9 O15 P2'
NAP non-polymer 'NADP NICOTINAMIDE-ADENINE-DINUCLEOTIDE PHOSPHATE' 'C21 H28 N7 O17 P3'
#
# COMPACT_ATOMS: atom_id res chain seq x y z
N ASP A 9 -18.38 9.11 -10.49
CA ASP A 9 -18.43 7.70 -10.00
C ASP A 9 -17.46 7.49 -8.85
N VAL A 10 -16.20 7.83 -9.06
CA VAL A 10 -15.19 7.68 -8.01
C VAL A 10 -15.45 8.67 -6.89
N PRO A 11 -15.65 8.18 -5.66
CA PRO A 11 -15.89 9.08 -4.53
C PRO A 11 -14.64 9.87 -4.17
N VAL A 12 -14.80 11.17 -3.91
CA VAL A 12 -13.67 12.02 -3.54
C VAL A 12 -14.12 13.20 -2.69
N ASN A 13 -13.38 13.47 -1.63
CA ASN A 13 -13.66 14.58 -0.72
C ASN A 13 -15.09 14.65 -0.21
N LEU A 14 -15.60 13.53 0.29
CA LEU A 14 -16.95 13.50 0.84
C LEU A 14 -16.87 14.26 2.16
N TYR A 15 -15.67 14.30 2.74
CA TYR A 15 -15.41 15.02 3.98
C TYR A 15 -14.14 15.83 3.82
N ARG A 16 -14.16 17.08 4.28
CA ARG A 16 -13.00 17.94 4.16
C ARG A 16 -12.49 18.38 5.53
N PRO A 17 -11.24 18.86 5.62
CA PRO A 17 -10.61 19.30 6.87
C PRO A 17 -11.43 20.25 7.73
N ASN A 18 -12.21 21.12 7.10
CA ASN A 18 -13.00 22.09 7.86
C ASN A 18 -14.22 21.48 8.53
N ALA A 19 -14.63 20.28 8.09
CA ALA A 19 -15.78 19.59 8.66
C ALA A 19 -15.59 18.09 8.44
N PRO A 20 -14.61 17.50 9.14
CA PRO A 20 -14.30 16.07 9.03
C PRO A 20 -15.37 15.14 9.56
N PHE A 21 -15.25 13.87 9.17
CA PHE A 21 -16.17 12.85 9.66
C PHE A 21 -15.54 12.38 10.96
N ILE A 22 -16.35 12.20 11.99
CA ILE A 22 -15.83 11.74 13.27
C ILE A 22 -16.12 10.25 13.38
N GLY A 23 -15.07 9.44 13.21
CA GLY A 23 -15.23 7.99 13.29
C GLY A 23 -14.70 7.41 14.58
N LYS A 24 -15.27 6.28 14.99
CA LYS A 24 -14.87 5.61 16.22
C LYS A 24 -13.91 4.46 15.93
N VAL A 25 -12.82 4.37 16.69
CA VAL A 25 -11.89 3.27 16.50
C VAL A 25 -12.55 1.99 17.00
N ILE A 26 -12.51 0.95 16.17
CA ILE A 26 -13.08 -0.34 16.56
C ILE A 26 -11.96 -1.23 17.09
N SER A 27 -10.84 -1.25 16.39
CA SER A 27 -9.71 -2.08 16.81
C SER A 27 -8.37 -1.50 16.36
N ASN A 28 -7.32 -1.84 17.11
CA ASN A 28 -5.96 -1.39 16.84
C ASN A 28 -5.09 -2.61 17.14
N GLU A 29 -4.64 -3.30 16.09
CA GLU A 29 -3.83 -4.51 16.25
C GLU A 29 -2.43 -4.41 15.66
N PRO A 30 -1.44 -5.04 16.32
CA PRO A 30 -0.06 -5.01 15.85
C PRO A 30 0.17 -5.95 14.65
N LEU A 31 0.97 -5.48 13.70
CA LEU A 31 1.29 -6.24 12.50
C LEU A 31 2.73 -6.75 12.50
N VAL A 32 3.60 -6.10 13.27
CA VAL A 32 5.00 -6.50 13.36
C VAL A 32 5.09 -7.58 14.42
N LYS A 33 5.55 -8.76 14.03
CA LYS A 33 5.66 -9.87 14.97
C LYS A 33 6.91 -9.74 15.81
N GLU A 34 7.01 -10.57 16.86
CA GLU A 34 8.15 -10.54 17.75
C GLU A 34 9.46 -10.59 16.95
N GLY A 35 10.45 -9.82 17.39
CA GLY A 35 11.73 -9.81 16.70
C GLY A 35 11.77 -8.88 15.50
N GLY A 36 10.66 -8.20 15.23
CA GLY A 36 10.60 -7.28 14.11
C GLY A 36 11.10 -5.90 14.50
N ILE A 37 11.26 -5.03 13.51
CA ILE A 37 11.73 -3.68 13.74
C ILE A 37 10.58 -2.68 13.73
N GLY A 38 10.48 -1.89 14.78
CA GLY A 38 9.44 -0.88 14.84
C GLY A 38 8.04 -1.37 15.12
N ILE A 39 7.10 -0.46 14.95
CA ILE A 39 5.69 -0.74 15.20
C ILE A 39 4.83 -0.34 14.00
N VAL A 40 3.97 -1.25 13.58
CA VAL A 40 3.06 -1.00 12.47
C VAL A 40 1.73 -1.59 12.94
N GLN A 41 0.69 -0.76 12.95
CA GLN A 41 -0.62 -1.19 13.43
C GLN A 41 -1.70 -1.20 12.38
N HIS A 42 -2.61 -2.16 12.48
CA HIS A 42 -3.75 -2.25 11.56
C HIS A 42 -4.88 -1.66 12.41
N ILE A 43 -5.39 -0.50 11.99
CA ILE A 43 -6.44 0.20 12.74
C ILE A 43 -7.74 0.24 11.95
N LYS A 44 -8.83 -0.20 12.57
CA LYS A 44 -10.13 -0.20 11.91
C LYS A 44 -11.06 0.81 12.55
N PHE A 45 -11.72 1.61 11.71
CA PHE A 45 -12.63 2.66 12.18
C PHE A 45 -14.07 2.39 11.73
N ASP A 46 -15.01 2.81 12.57
CA ASP A 46 -16.44 2.65 12.32
C ASP A 46 -16.90 3.86 11.49
N LEU A 47 -17.54 3.59 10.37
CA LEU A 47 -18.03 4.66 9.50
C LEU A 47 -19.52 4.92 9.67
N THR A 48 -20.19 4.14 10.51
CA THR A 48 -21.62 4.34 10.71
C THR A 48 -21.88 5.76 11.23
N GLY A 49 -22.95 6.38 10.75
CA GLY A 49 -23.27 7.72 11.18
C GLY A 49 -22.75 8.77 10.21
N GLY A 50 -22.16 8.30 9.11
CA GLY A 50 -21.64 9.20 8.10
C GLY A 50 -21.77 8.54 6.75
N ASN A 51 -21.46 9.26 5.67
CA ASN A 51 -21.58 8.68 4.34
C ASN A 51 -20.23 8.52 3.63
N LEU A 52 -19.19 8.27 4.41
CA LEU A 52 -17.87 8.09 3.82
C LEU A 52 -17.85 6.79 3.03
N LYS A 53 -17.60 6.89 1.73
CA LYS A 53 -17.50 5.74 0.85
C LYS A 53 -16.15 5.90 0.18
N TYR A 54 -15.56 4.81 -0.28
CA TYR A 54 -14.25 4.87 -0.91
C TYR A 54 -14.01 3.62 -1.75
N ILE A 55 -12.94 3.63 -2.56
CA ILE A 55 -12.61 2.46 -3.35
C ILE A 55 -11.13 2.14 -3.18
N GLU A 56 -10.73 0.96 -3.64
CA GLU A 56 -9.36 0.49 -3.50
C GLU A 56 -8.30 1.40 -4.13
N GLY A 57 -7.23 1.65 -3.38
CA GLY A 57 -6.16 2.49 -3.87
C GLY A 57 -6.19 3.92 -3.36
N GLN A 58 -7.33 4.35 -2.81
CA GLN A 58 -7.45 5.72 -2.30
C GLN A 58 -6.87 5.88 -0.90
N SER A 59 -6.81 7.13 -0.44
CA SER A 59 -6.29 7.47 0.87
C SER A 59 -7.32 8.30 1.63
N ILE A 60 -7.10 8.47 2.92
CA ILE A 60 -7.96 9.32 3.74
C ILE A 60 -7.03 10.11 4.65
N GLY A 61 -7.49 11.26 5.09
CA GLY A 61 -6.66 12.06 5.97
C GLY A 61 -7.08 11.85 7.42
N ILE A 62 -6.13 12.03 8.33
CA ILE A 62 -6.39 11.89 9.75
C ILE A 62 -5.85 13.17 10.39
N ILE A 63 -6.67 13.84 11.18
CA ILE A 63 -6.26 15.07 11.83
C ILE A 63 -5.97 14.77 13.30
N PRO A 64 -4.69 14.76 13.69
CA PRO A 64 -4.34 14.48 15.08
C PRO A 64 -4.60 15.70 15.99
N PRO A 65 -4.79 15.46 17.29
CA PRO A 65 -5.04 16.57 18.22
C PRO A 65 -3.76 17.31 18.54
N GLY A 66 -3.88 18.43 19.23
CA GLY A 66 -2.71 19.19 19.61
C GLY A 66 -2.27 20.28 18.66
N VAL A 67 -1.21 20.98 19.03
CA VAL A 67 -0.66 22.07 18.22
C VAL A 67 0.82 21.82 17.96
N ASP A 68 1.35 22.43 16.91
CA ASP A 68 2.76 22.25 16.59
C ASP A 68 3.62 23.18 17.44
N LYS A 69 4.92 23.19 17.18
CA LYS A 69 5.85 24.02 17.95
C LYS A 69 5.52 25.51 17.86
N ASN A 70 4.77 25.90 16.85
CA ASN A 70 4.42 27.31 16.69
C ASN A 70 3.04 27.64 17.25
N GLY A 71 2.41 26.66 17.87
CA GLY A 71 1.09 26.89 18.44
C GLY A 71 -0.05 26.74 17.46
N LYS A 72 0.24 26.30 16.24
CA LYS A 72 -0.79 26.12 15.22
C LYS A 72 -1.38 24.71 15.26
N PRO A 73 -2.70 24.59 15.03
CA PRO A 73 -3.36 23.28 15.04
C PRO A 73 -2.65 22.34 14.08
N GLU A 74 -2.62 21.05 14.43
CA GLU A 74 -1.96 20.07 13.56
C GLU A 74 -2.79 19.89 12.29
N LYS A 75 -2.12 19.77 11.15
CA LYS A 75 -2.83 19.57 9.89
C LYS A 75 -2.99 18.08 9.65
N LEU A 76 -3.81 17.71 8.69
CA LEU A 76 -4.04 16.31 8.39
C LEU A 76 -2.81 15.63 7.80
N ARG A 77 -2.73 14.31 7.98
CA ARG A 77 -1.68 13.48 7.40
C ARG A 77 -2.45 12.45 6.58
N LEU A 78 -1.96 12.12 5.39
CA LEU A 78 -2.64 11.13 4.56
C LEU A 78 -2.17 9.72 4.82
N TYR A 79 -3.10 8.77 4.74
CA TYR A 79 -2.79 7.36 4.93
C TYR A 79 -3.52 6.53 3.88
N SER A 80 -2.80 5.63 3.22
CA SER A 80 -3.39 4.79 2.20
C SER A 80 -4.40 3.85 2.85
N ILE A 81 -5.60 3.76 2.28
CA ILE A 81 -6.62 2.87 2.83
C ILE A 81 -6.08 1.45 2.68
N ALA A 82 -6.24 0.64 3.72
CA ALA A 82 -5.74 -0.74 3.69
C ALA A 82 -6.84 -1.78 3.54
N SER A 83 -8.09 -1.34 3.52
CA SER A 83 -9.22 -2.23 3.37
C SER A 83 -9.93 -2.00 2.05
N THR A 84 -10.66 -3.01 1.57
CA THR A 84 -11.41 -2.88 0.33
C THR A 84 -12.56 -1.93 0.63
N ARG A 85 -13.31 -1.56 -0.41
CA ARG A 85 -14.44 -0.64 -0.26
C ARG A 85 -15.47 -1.15 0.74
N HIS A 86 -15.50 -2.47 0.94
CA HIS A 86 -16.46 -3.08 1.86
C HIS A 86 -15.99 -3.16 3.30
N GLY A 87 -14.72 -2.84 3.54
CA GLY A 87 -14.19 -2.93 4.90
C GLY A 87 -13.73 -4.36 5.15
N ASP A 88 -12.91 -4.56 6.19
CA ASP A 88 -12.39 -5.88 6.50
C ASP A 88 -13.45 -6.94 6.79
N ASP A 89 -14.64 -6.52 7.21
CA ASP A 89 -15.69 -7.48 7.53
C ASP A 89 -16.70 -7.62 6.39
N VAL A 90 -16.40 -6.97 5.27
CA VAL A 90 -17.25 -7.00 4.09
C VAL A 90 -18.69 -6.63 4.46
N ASP A 91 -18.85 -5.55 5.23
CA ASP A 91 -20.16 -5.10 5.64
C ASP A 91 -20.44 -3.65 5.27
N ASP A 92 -19.50 -3.02 4.54
CA ASP A 92 -19.66 -1.63 4.11
C ASP A 92 -19.84 -0.69 5.29
N LYS A 93 -19.27 -1.04 6.43
CA LYS A 93 -19.41 -0.23 7.63
C LYS A 93 -18.10 0.28 8.24
N THR A 94 -16.96 -0.14 7.71
CA THR A 94 -15.68 0.27 8.29
C THR A 94 -14.61 0.61 7.26
N ILE A 95 -13.47 1.06 7.76
CA ILE A 95 -12.32 1.39 6.94
C ILE A 95 -11.09 1.14 7.80
N SER A 96 -10.02 0.63 7.17
CA SER A 96 -8.81 0.33 7.92
C SER A 96 -7.57 1.00 7.37
N LEU A 97 -6.61 1.22 8.25
CA LEU A 97 -5.34 1.84 7.90
C LEU A 97 -4.19 0.94 8.37
N CYS A 98 -3.03 1.13 7.75
CA CYS A 98 -1.82 0.37 8.07
C CYS A 98 -0.82 1.47 8.43
N VAL A 99 -0.67 1.73 9.72
CA VAL A 99 0.19 2.81 10.21
C VAL A 99 1.48 2.43 10.95
N ARG A 100 2.60 2.94 10.44
CA ARG A 100 3.91 2.70 11.04
C ARG A 100 4.16 3.88 12.00
N GLN A 101 4.68 3.61 13.20
CA GLN A 101 4.98 4.72 14.10
C GLN A 101 6.29 5.31 13.62
N LEU A 102 6.26 6.57 13.21
CA LEU A 102 7.47 7.23 12.74
C LEU A 102 8.37 7.59 13.90
N GLU A 103 9.63 7.20 13.80
CA GLU A 103 10.60 7.53 14.83
C GLU A 103 11.99 7.52 14.22
N TYR A 104 12.76 8.55 14.56
CA TYR A 104 14.12 8.67 14.05
C TYR A 104 14.99 9.34 15.08
N LYS A 105 16.30 9.21 14.92
CA LYS A 105 17.26 9.81 15.84
C LYS A 105 17.48 11.26 15.41
N HIS A 106 17.39 12.17 16.37
CA HIS A 106 17.57 13.59 16.08
C HIS A 106 19.03 13.86 15.71
N PRO A 107 19.25 14.61 14.62
CA PRO A 107 20.59 14.96 14.12
C PRO A 107 21.52 15.46 15.22
N GLU A 108 22.68 14.83 15.33
CA GLU A 108 23.67 15.19 16.33
C GLU A 108 23.05 15.40 17.72
N SER A 109 22.13 14.50 18.08
CA SER A 109 21.47 14.59 19.37
C SER A 109 21.30 13.19 19.97
N GLY A 110 21.05 12.21 19.10
CA GLY A 110 20.87 10.84 19.56
C GLY A 110 19.47 10.56 20.07
N ALA A 111 18.78 11.60 20.53
CA ALA A 111 17.43 11.45 21.04
C ALA A 111 16.46 11.06 19.94
N THR A 112 15.57 10.12 20.25
CA THR A 112 14.59 9.66 19.28
C THR A 112 13.44 10.66 19.18
N VAL A 113 12.99 10.92 17.95
CA VAL A 113 11.88 11.83 17.70
C VAL A 113 10.70 10.95 17.29
N TYR A 114 9.50 11.30 17.76
CA TYR A 114 8.32 10.52 17.43
C TYR A 114 7.31 11.33 16.60
N GLY A 115 6.89 10.77 15.47
CA GLY A 115 5.93 11.44 14.62
C GLY A 115 4.63 11.70 15.34
N VAL A 116 4.07 12.90 15.18
CA VAL A 116 2.84 13.26 15.86
C VAL A 116 1.61 12.42 15.52
N CYS A 117 1.20 12.43 14.26
CA CYS A 117 0.01 11.68 13.87
C CYS A 117 0.17 10.16 13.96
N SER A 118 1.33 9.64 13.57
CA SER A 118 1.54 8.20 13.62
C SER A 118 1.64 7.64 15.04
N THR A 119 2.13 8.45 15.98
CA THR A 119 2.23 7.97 17.36
C THR A 119 0.80 7.98 17.92
N TYR A 120 0.06 9.01 17.55
CA TYR A 120 -1.33 9.18 17.98
C TYR A 120 -2.14 7.97 17.52
N LEU A 121 -1.99 7.63 16.24
CA LEU A 121 -2.72 6.51 15.67
C LEU A 121 -2.29 5.15 16.21
N THR A 122 -0.99 4.85 16.16
CA THR A 122 -0.52 3.55 16.63
C THR A 122 -0.81 3.25 18.10
N HIS A 123 -1.02 4.30 18.90
CA HIS A 123 -1.32 4.08 20.32
C HIS A 123 -2.78 4.37 20.68
N ILE A 124 -3.60 4.64 19.68
CA ILE A 124 -4.99 4.95 19.93
C ILE A 124 -5.78 3.77 20.49
N GLU A 125 -6.72 4.05 21.39
CA GLU A 125 -7.53 3.02 22.02
C GLU A 125 -8.90 2.84 21.39
N PRO A 126 -9.39 1.60 21.33
CA PRO A 126 -10.70 1.36 20.74
C PRO A 126 -11.72 2.24 21.45
N GLY A 127 -12.67 2.79 20.71
CA GLY A 127 -13.67 3.65 21.31
C GLY A 127 -13.36 5.12 21.13
N SER A 128 -12.10 5.44 20.83
CA SER A 128 -11.69 6.82 20.64
C SER A 128 -12.28 7.39 19.36
N GLU A 129 -12.57 8.69 19.38
CA GLU A 129 -13.13 9.40 18.23
C GLU A 129 -11.99 9.98 17.42
N VAL A 130 -12.06 9.84 16.09
CA VAL A 130 -11.01 10.34 15.23
C VAL A 130 -11.57 11.17 14.09
N LYS A 131 -10.86 12.25 13.74
CA LYS A 131 -11.28 13.12 12.65
C LYS A 131 -10.72 12.58 11.33
N ILE A 132 -11.61 12.19 10.43
CA ILE A 132 -11.24 11.62 9.14
C ILE A 132 -11.71 12.48 7.97
N THR A 133 -10.88 12.58 6.94
CA THR A 133 -11.23 13.35 5.74
C THR A 133 -11.01 12.50 4.50
N GLY A 134 -11.61 12.91 3.39
CA GLY A 134 -11.44 12.17 2.14
C GLY A 134 -12.71 11.54 1.59
N PRO A 135 -12.57 10.46 0.81
CA PRO A 135 -11.28 9.86 0.44
C PRO A 135 -10.61 10.72 -0.62
N VAL A 136 -9.34 10.43 -0.92
CA VAL A 136 -8.63 11.20 -1.93
C VAL A 136 -7.78 10.30 -2.81
N GLY A 137 -7.54 10.76 -4.04
CA GLY A 137 -6.70 10.01 -4.96
C GLY A 137 -7.38 9.25 -6.08
N LYS A 138 -6.86 9.43 -7.29
CA LYS A 138 -7.39 8.74 -8.47
C LYS A 138 -6.21 8.16 -9.26
N GLU A 139 -5.04 8.18 -8.64
CA GLU A 139 -3.80 7.70 -9.25
C GLU A 139 -3.48 6.22 -9.04
N MET A 140 -4.11 5.60 -8.05
CA MET A 140 -3.86 4.20 -7.72
C MET A 140 -5.10 3.30 -7.82
N LEU A 141 -5.96 3.57 -8.80
CA LEU A 141 -7.18 2.79 -8.95
C LEU A 141 -6.96 1.49 -9.73
N LEU A 142 -7.65 0.45 -9.30
CA LEU A 142 -7.57 -0.87 -9.93
C LEU A 142 -8.51 -0.96 -11.13
N PRO A 143 -8.05 -1.58 -12.23
CA PRO A 143 -8.88 -1.72 -13.42
C PRO A 143 -10.10 -2.56 -13.12
N ASP A 144 -11.21 -2.27 -13.79
CA ASP A 144 -12.43 -3.06 -13.58
C ASP A 144 -12.28 -4.38 -14.33
N ASP A 145 -11.39 -4.39 -15.31
CA ASP A 145 -11.15 -5.59 -16.12
C ASP A 145 -10.58 -6.73 -15.28
N PRO A 146 -11.37 -7.81 -15.11
CA PRO A 146 -10.95 -8.98 -14.33
C PRO A 146 -9.87 -9.84 -14.98
N GLU A 147 -9.54 -9.52 -16.23
CA GLU A 147 -8.54 -10.26 -16.98
C GLU A 147 -7.17 -9.59 -16.91
N ALA A 148 -7.13 -8.36 -16.39
CA ALA A 148 -5.89 -7.61 -16.31
C ALA A 148 -4.80 -8.28 -15.47
N ASN A 149 -3.55 -7.94 -15.76
CA ASN A 149 -2.41 -8.45 -15.01
C ASN A 149 -2.06 -7.28 -14.09
N VAL A 150 -1.73 -7.57 -12.85
CA VAL A 150 -1.41 -6.50 -11.90
C VAL A 150 -0.09 -6.75 -11.18
N ILE A 151 0.89 -5.90 -11.47
CA ILE A 151 2.19 -6.00 -10.82
C ILE A 151 2.15 -5.01 -9.66
N MET A 152 2.56 -5.47 -8.48
CA MET A 152 2.56 -4.65 -7.28
C MET A 152 3.94 -4.63 -6.64
N LEU A 153 4.57 -3.46 -6.61
CA LEU A 153 5.90 -3.29 -6.02
C LEU A 153 5.73 -2.41 -4.79
N ALA A 154 5.99 -2.98 -3.62
CA ALA A 154 5.80 -2.22 -2.39
C ALA A 154 6.87 -2.45 -1.32
N THR A 155 7.06 -1.43 -0.49
CA THR A 155 7.99 -1.52 0.63
C THR A 155 7.24 -1.04 1.87
N GLY A 156 7.42 -1.74 2.99
CA GLY A 156 6.77 -1.36 4.23
C GLY A 156 5.27 -1.14 4.13
N THR A 157 4.81 -0.01 4.66
CA THR A 157 3.38 0.30 4.66
C THR A 157 2.84 0.55 3.26
N GLY A 158 3.73 0.53 2.26
CA GLY A 158 3.29 0.71 0.89
C GLY A 158 2.46 -0.49 0.49
N ILE A 159 2.42 -1.49 1.37
CA ILE A 159 1.63 -2.71 1.12
C ILE A 159 0.14 -2.37 1.21
N ALA A 160 -0.20 -1.28 1.90
CA ALA A 160 -1.59 -0.88 2.11
C ALA A 160 -2.52 -0.94 0.89
N PRO A 161 -2.22 -0.17 -0.16
CA PRO A 161 -3.12 -0.24 -1.31
C PRO A 161 -3.11 -1.63 -1.95
N MET A 162 -1.99 -2.32 -1.86
CA MET A 162 -1.88 -3.67 -2.44
C MET A 162 -2.84 -4.62 -1.72
N ARG A 163 -2.98 -4.46 -0.41
CA ARG A 163 -3.89 -5.31 0.34
C ARG A 163 -5.31 -5.09 -0.14
N THR A 164 -5.66 -3.84 -0.45
CA THR A 164 -7.02 -3.56 -0.92
C THR A 164 -7.26 -4.24 -2.27
N TYR A 165 -6.25 -4.26 -3.13
CA TYR A 165 -6.41 -4.90 -4.44
C TYR A 165 -6.51 -6.42 -4.27
N LEU A 166 -5.56 -6.98 -3.54
CA LEU A 166 -5.49 -8.42 -3.33
C LEU A 166 -6.70 -9.01 -2.62
N TRP A 167 -7.22 -8.31 -1.62
CA TRP A 167 -8.39 -8.81 -0.92
C TRP A 167 -9.61 -8.82 -1.85
N ARG A 168 -9.79 -7.74 -2.61
CA ARG A 168 -10.91 -7.65 -3.55
C ARG A 168 -10.80 -8.75 -4.59
N MET A 169 -9.58 -9.05 -4.99
CA MET A 169 -9.33 -10.07 -5.99
C MET A 169 -9.49 -11.51 -5.50
N PHE A 170 -8.95 -11.79 -4.32
CA PHE A 170 -8.92 -13.14 -3.81
C PHE A 170 -9.65 -13.58 -2.54
N LYS A 171 -10.21 -12.64 -1.77
CA LYS A 171 -10.92 -13.02 -0.56
C LYS A 171 -12.27 -13.66 -0.89
N ASP A 172 -12.56 -14.81 -0.29
CA ASP A 172 -13.83 -15.48 -0.55
C ASP A 172 -15.02 -14.56 -0.43
N ALA A 173 -15.13 -13.88 0.71
CA ALA A 173 -16.27 -12.98 0.96
C ALA A 173 -16.36 -11.83 -0.04
N GLU A 174 -15.20 -11.40 -0.55
CA GLU A 174 -15.19 -10.31 -1.54
C GLU A 174 -15.74 -10.82 -2.86
N ARG A 175 -15.24 -11.97 -3.32
CA ARG A 175 -15.70 -12.54 -4.57
C ARG A 175 -17.21 -12.75 -4.53
N ALA A 176 -17.73 -13.14 -3.36
CA ALA A 176 -19.16 -13.35 -3.21
C ALA A 176 -19.94 -12.04 -3.28
N ALA A 177 -19.30 -10.96 -2.82
CA ALA A 177 -19.94 -9.65 -2.81
C ALA A 177 -19.75 -8.84 -4.09
N ASN A 178 -18.78 -9.22 -4.91
CA ASN A 178 -18.48 -8.50 -6.15
C ASN A 178 -18.70 -9.38 -7.38
N PRO A 179 -19.97 -9.66 -7.71
CA PRO A 179 -20.26 -10.50 -8.88
C PRO A 179 -19.63 -9.98 -10.16
N GLU A 180 -19.51 -8.67 -10.27
CA GLU A 180 -18.95 -8.03 -11.46
C GLU A 180 -17.43 -8.16 -11.55
N TYR A 181 -16.77 -8.55 -10.47
CA TYR A 181 -15.32 -8.66 -10.49
C TYR A 181 -14.82 -10.01 -9.98
N GLN A 182 -14.72 -10.98 -10.88
CA GLN A 182 -14.21 -12.30 -10.53
C GLN A 182 -12.84 -12.37 -11.19
N PHE A 183 -11.81 -11.97 -10.45
CA PHE A 183 -10.46 -11.93 -10.98
C PHE A 183 -9.92 -13.27 -11.47
N LYS A 184 -9.37 -13.26 -12.67
CA LYS A 184 -8.80 -14.47 -13.25
C LYS A 184 -7.54 -14.14 -14.03
N GLY A 185 -6.98 -12.96 -13.77
CA GLY A 185 -5.75 -12.55 -14.42
C GLY A 185 -4.57 -13.01 -13.59
N PHE A 186 -3.44 -12.32 -13.70
CA PHE A 186 -2.25 -12.66 -12.94
C PHE A 186 -1.74 -11.46 -12.15
N SER A 187 -1.50 -11.66 -10.86
CA SER A 187 -1.01 -10.61 -9.99
C SER A 187 0.31 -11.05 -9.37
N TRP A 188 1.27 -10.13 -9.29
CA TRP A 188 2.58 -10.43 -8.74
C TRP A 188 3.00 -9.35 -7.75
N LEU A 189 3.15 -9.74 -6.49
CA LEU A 189 3.57 -8.81 -5.46
C LEU A 189 5.03 -9.04 -5.07
N VAL A 190 5.82 -7.97 -5.15
CA VAL A 190 7.22 -8.01 -4.74
C VAL A 190 7.16 -7.05 -3.55
N PHE A 191 7.39 -7.60 -2.36
CA PHE A 191 7.28 -6.87 -1.10
C PHE A 191 8.60 -6.78 -0.36
N GLY A 192 9.04 -5.56 -0.07
CA GLY A 192 10.30 -5.38 0.63
C GLY A 192 10.15 -4.87 2.05
N VAL A 193 10.72 -5.61 3.00
CA VAL A 193 10.70 -5.24 4.42
C VAL A 193 12.02 -5.72 5.01
N PRO A 194 12.39 -5.23 6.20
CA PRO A 194 13.66 -5.64 6.83
C PRO A 194 13.77 -7.06 7.39
N THR A 195 12.68 -7.63 7.87
CA THR A 195 12.72 -8.97 8.44
C THR A 195 11.45 -9.75 8.19
N THR A 196 11.50 -11.06 8.42
CA THR A 196 10.32 -11.89 8.25
C THR A 196 9.22 -11.41 9.20
N PRO A 197 9.59 -11.09 10.45
CA PRO A 197 8.56 -10.62 11.40
C PRO A 197 7.91 -9.33 10.89
N ASN A 198 8.60 -8.60 10.01
CA ASN A 198 8.08 -7.36 9.46
C ASN A 198 7.23 -7.54 8.20
N ILE A 199 7.06 -8.78 7.75
CA ILE A 199 6.23 -9.02 6.56
C ILE A 199 4.79 -8.81 6.99
N LEU A 200 4.26 -7.63 6.69
CA LEU A 200 2.89 -7.30 7.07
C LEU A 200 1.88 -8.21 6.37
N TYR A 201 0.93 -8.74 7.14
CA TYR A 201 -0.12 -9.61 6.60
C TYR A 201 0.44 -10.90 6.00
N LYS A 202 1.64 -11.29 6.44
CA LYS A 202 2.30 -12.49 5.92
C LYS A 202 1.39 -13.69 5.76
N GLU A 203 0.73 -14.08 6.85
CA GLU A 203 -0.16 -15.24 6.84
C GLU A 203 -1.21 -15.18 5.72
N GLU A 204 -1.86 -14.04 5.58
CA GLU A 204 -2.89 -13.88 4.56
C GLU A 204 -2.35 -13.83 3.14
N LEU A 205 -1.19 -13.22 2.96
CA LEU A 205 -0.58 -13.14 1.63
C LEU A 205 -0.21 -14.54 1.17
N GLU A 206 0.32 -15.34 2.08
CA GLU A 206 0.72 -16.70 1.74
C GLU A 206 -0.48 -17.60 1.51
N GLU A 207 -1.58 -17.31 2.18
CA GLU A 207 -2.79 -18.10 2.01
C GLU A 207 -3.32 -17.90 0.59
N ILE A 208 -3.18 -16.68 0.08
CA ILE A 208 -3.64 -16.38 -1.27
C ILE A 208 -2.79 -17.14 -2.29
N GLN A 209 -1.48 -17.14 -2.09
CA GLN A 209 -0.58 -17.82 -3.03
C GLN A 209 -0.86 -19.32 -3.08
N GLN A 210 -1.21 -19.90 -1.93
CA GLN A 210 -1.51 -21.33 -1.86
C GLN A 210 -2.82 -21.67 -2.56
N LYS A 211 -3.81 -20.80 -2.42
CA LYS A 211 -5.10 -21.04 -3.05
C LYS A 211 -5.17 -20.65 -4.52
N TYR A 212 -4.39 -19.66 -4.91
CA TYR A 212 -4.38 -19.18 -6.28
C TYR A 212 -2.97 -19.18 -6.87
N PRO A 213 -2.33 -20.36 -6.92
CA PRO A 213 -0.97 -20.50 -7.45
C PRO A 213 -0.78 -20.01 -8.89
N ASP A 214 -1.83 -20.09 -9.70
CA ASP A 214 -1.73 -19.65 -11.08
C ASP A 214 -2.16 -18.20 -11.29
N ASN A 215 -2.67 -17.56 -10.24
CA ASN A 215 -3.12 -16.18 -10.36
C ASN A 215 -2.37 -15.20 -9.48
N PHE A 216 -1.58 -15.72 -8.54
CA PHE A 216 -0.82 -14.85 -7.66
C PHE A 216 0.60 -15.32 -7.35
N ARG A 217 1.57 -14.44 -7.55
CA ARG A 217 2.96 -14.75 -7.26
C ARG A 217 3.41 -13.81 -6.16
N LEU A 218 4.10 -14.35 -5.16
CA LEU A 218 4.57 -13.56 -4.03
C LEU A 218 6.10 -13.65 -3.93
N THR A 219 6.75 -12.49 -3.94
CA THR A 219 8.21 -12.42 -3.84
C THR A 219 8.61 -11.45 -2.75
N TYR A 220 9.52 -11.89 -1.87
CA TYR A 220 9.97 -11.03 -0.78
C TYR A 220 11.40 -10.57 -1.00
N ALA A 221 11.70 -9.41 -0.42
CA ALA A 221 13.03 -8.84 -0.44
C ALA A 221 13.23 -8.51 1.03
N ILE A 222 13.89 -9.39 1.76
CA ILE A 222 14.13 -9.22 3.20
C ILE A 222 15.58 -8.81 3.43
N SER A 223 15.79 -7.51 3.63
CA SER A 223 17.12 -6.93 3.81
C SER A 223 18.05 -7.48 4.92
N ARG A 224 17.49 -7.96 6.03
CA ARG A 224 18.35 -8.46 7.10
C ARG A 224 18.53 -9.97 7.08
N GLU A 225 17.90 -10.64 6.12
CA GLU A 225 17.98 -12.09 6.04
C GLU A 225 18.47 -12.57 4.67
N GLN A 226 18.55 -11.65 3.73
CA GLN A 226 18.97 -11.96 2.37
C GLN A 226 19.93 -10.92 1.82
N LYS A 227 20.81 -11.35 0.92
CA LYS A 227 21.76 -10.44 0.29
C LYS A 227 21.73 -10.63 -1.22
N ASN A 228 21.87 -9.52 -1.94
CA ASN A 228 21.84 -9.56 -3.40
C ASN A 228 23.15 -10.14 -3.94
N PRO A 229 23.24 -10.35 -5.27
CA PRO A 229 24.46 -10.90 -5.86
C PRO A 229 25.72 -10.09 -5.55
N GLN A 230 25.55 -8.80 -5.30
CA GLN A 230 26.69 -7.93 -5.00
C GLN A 230 27.15 -8.05 -3.54
N GLY A 231 26.39 -8.77 -2.73
CA GLY A 231 26.74 -8.93 -1.34
C GLY A 231 26.04 -7.95 -0.42
N GLY A 232 25.32 -7.00 -1.01
CA GLY A 232 24.60 -6.02 -0.22
C GLY A 232 23.29 -6.60 0.28
N ARG A 233 22.58 -5.85 1.11
CA ARG A 233 21.29 -6.31 1.64
C ARG A 233 20.26 -6.34 0.52
N MET A 234 19.40 -7.36 0.54
CA MET A 234 18.37 -7.54 -0.47
C MET A 234 17.23 -6.54 -0.40
N TYR A 235 17.12 -5.67 -1.39
CA TYR A 235 16.05 -4.69 -1.45
C TYR A 235 15.15 -4.98 -2.65
N ILE A 236 14.00 -4.33 -2.70
CA ILE A 236 13.05 -4.58 -3.78
C ILE A 236 13.62 -4.35 -5.18
N GLN A 237 14.43 -3.32 -5.37
CA GLN A 237 15.01 -3.10 -6.70
C GLN A 237 15.91 -4.26 -7.11
N ASP A 238 16.47 -4.96 -6.13
CA ASP A 238 17.32 -6.12 -6.41
C ASP A 238 16.49 -7.28 -6.96
N ARG A 239 15.27 -7.41 -6.46
CA ARG A 239 14.37 -8.47 -6.92
C ARG A 239 13.85 -8.13 -8.31
N VAL A 240 13.59 -6.86 -8.55
CA VAL A 240 13.11 -6.43 -9.85
C VAL A 240 14.20 -6.66 -10.88
N ALA A 241 15.45 -6.42 -10.47
CA ALA A 241 16.58 -6.62 -11.37
C ALA A 241 16.69 -8.10 -11.70
N GLU A 242 16.54 -8.93 -10.67
CA GLU A 242 16.62 -10.39 -10.82
C GLU A 242 15.56 -10.93 -11.79
N HIS A 243 14.38 -10.33 -11.77
CA HIS A 243 13.30 -10.77 -12.66
C HIS A 243 12.92 -9.72 -13.69
N ALA A 244 13.88 -8.88 -14.06
CA ALA A 244 13.64 -7.80 -15.03
C ALA A 244 12.99 -8.25 -16.34
N ASP A 245 13.52 -9.30 -16.97
CA ASP A 245 12.95 -9.76 -18.22
C ASP A 245 11.50 -10.25 -18.06
N GLN A 246 11.24 -11.00 -17.00
CA GLN A 246 9.88 -11.50 -16.74
C GLN A 246 8.92 -10.35 -16.54
N LEU A 247 9.36 -9.33 -15.80
CA LEU A 247 8.51 -8.17 -15.53
C LEU A 247 8.26 -7.38 -16.81
N TRP A 248 9.31 -7.17 -17.61
CA TRP A 248 9.17 -6.44 -18.86
C TRP A 248 8.20 -7.17 -19.79
N GLN A 249 8.34 -8.48 -19.87
CA GLN A 249 7.48 -9.29 -20.73
C GLN A 249 6.00 -9.13 -20.35
N LEU A 250 5.72 -9.02 -19.06
CA LEU A 250 4.35 -8.83 -18.59
C LEU A 250 3.88 -7.41 -18.89
N ILE A 251 4.74 -6.45 -18.60
CA ILE A 251 4.41 -5.05 -18.85
C ILE A 251 4.05 -4.76 -20.30
N LYS A 252 4.62 -5.54 -21.23
CA LYS A 252 4.33 -5.35 -22.65
C LYS A 252 2.87 -5.61 -23.02
N ASN A 253 2.16 -6.34 -22.17
CA ASN A 253 0.76 -6.64 -22.42
C ASN A 253 -0.07 -5.38 -22.19
N GLN A 254 -0.88 -5.01 -23.16
CA GLN A 254 -1.70 -3.81 -23.06
C GLN A 254 -2.69 -3.84 -21.89
N LYS A 255 -2.91 -5.02 -21.32
CA LYS A 255 -3.84 -5.18 -20.20
C LYS A 255 -3.15 -5.14 -18.84
N THR A 256 -1.83 -4.99 -18.84
CA THR A 256 -1.09 -4.97 -17.59
C THR A 256 -1.00 -3.61 -16.92
N HIS A 257 -1.20 -3.61 -15.60
CA HIS A 257 -1.11 -2.39 -14.81
C HIS A 257 -0.03 -2.62 -13.75
N THR A 258 0.76 -1.58 -13.48
CA THR A 258 1.79 -1.70 -12.46
C THR A 258 1.56 -0.65 -11.38
N TYR A 259 1.71 -1.07 -10.13
CA TYR A 259 1.51 -0.19 -8.98
C TYR A 259 2.77 -0.17 -8.12
N ILE A 260 3.19 1.04 -7.76
CA ILE A 260 4.39 1.23 -6.95
C ILE A 260 4.04 2.10 -5.75
N CYS A 261 4.31 1.61 -4.55
CA CYS A 261 3.99 2.37 -3.36
C CYS A 261 5.00 2.11 -2.25
N GLY A 262 5.51 3.18 -1.66
CA GLY A 262 6.48 3.06 -0.59
C GLY A 262 7.44 4.24 -0.54
N LEU A 263 8.70 3.95 -0.24
CA LEU A 263 9.74 4.97 -0.16
C LEU A 263 9.98 5.65 -1.50
N ARG A 264 10.47 6.89 -1.44
CA ARG A 264 10.71 7.67 -2.65
C ARG A 264 12.00 7.32 -3.37
N GLY A 265 12.79 6.40 -2.81
CA GLY A 265 14.04 6.04 -3.45
C GLY A 265 14.07 4.67 -4.09
N MET A 266 12.91 4.14 -4.46
CA MET A 266 12.85 2.82 -5.06
C MET A 266 12.66 2.83 -6.58
N GLU A 267 11.96 3.83 -7.11
CA GLU A 267 11.73 3.90 -8.55
C GLU A 267 12.99 3.97 -9.39
N GLU A 268 14.01 4.65 -8.88
CA GLU A 268 15.27 4.79 -9.62
C GLU A 268 15.84 3.43 -10.02
N GLY A 269 15.98 2.54 -9.03
CA GLY A 269 16.52 1.22 -9.30
C GLY A 269 15.59 0.39 -10.15
N ILE A 270 14.28 0.55 -9.95
CA ILE A 270 13.28 -0.17 -10.73
C ILE A 270 13.43 0.18 -12.20
N ASP A 271 13.52 1.48 -12.50
CA ASP A 271 13.66 1.92 -13.88
C ASP A 271 14.94 1.42 -14.54
N ALA A 272 16.03 1.44 -13.77
CA ALA A 272 17.31 0.98 -14.29
C ALA A 272 17.19 -0.47 -14.77
N ALA A 273 16.52 -1.30 -13.98
CA ALA A 273 16.33 -2.71 -14.29
C ALA A 273 15.48 -2.91 -15.54
N LEU A 274 14.31 -2.28 -15.59
CA LEU A 274 13.42 -2.41 -16.73
C LEU A 274 14.02 -1.77 -17.98
N SER A 275 14.82 -0.72 -17.80
CA SER A 275 15.44 -0.06 -18.94
C SER A 275 16.37 -1.03 -19.68
N ALA A 276 17.16 -1.77 -18.91
CA ALA A 276 18.08 -2.74 -19.51
C ALA A 276 17.33 -3.86 -20.22
N ALA A 277 16.21 -4.29 -19.65
CA ALA A 277 15.41 -5.36 -20.25
C ALA A 277 14.79 -4.92 -21.58
N ALA A 278 14.12 -3.77 -21.58
CA ALA A 278 13.49 -3.25 -22.78
C ALA A 278 14.50 -2.88 -23.87
N ALA A 279 15.68 -2.43 -23.47
CA ALA A 279 16.72 -2.04 -24.41
C ALA A 279 17.14 -3.22 -25.29
N LYS A 280 16.96 -4.43 -24.79
CA LYS A 280 17.32 -5.64 -25.54
C LYS A 280 16.45 -5.77 -26.80
N GLU A 281 15.23 -5.25 -26.73
CA GLU A 281 14.32 -5.31 -27.86
C GLU A 281 14.23 -3.95 -28.55
N GLY A 282 15.25 -3.12 -28.33
CA GLY A 282 15.28 -1.80 -28.95
C GLY A 282 14.22 -0.84 -28.48
N VAL A 283 13.86 -0.93 -27.21
CA VAL A 283 12.84 -0.04 -26.64
C VAL A 283 13.47 0.83 -25.56
N THR A 284 13.13 2.11 -25.56
CA THR A 284 13.64 3.02 -24.54
C THR A 284 12.59 3.04 -23.44
N TRP A 285 12.91 2.42 -22.31
CA TRP A 285 11.99 2.33 -21.17
C TRP A 285 11.39 3.67 -20.75
N SER A 286 12.24 4.70 -20.62
CA SER A 286 11.75 6.01 -20.20
C SER A 286 10.59 6.48 -21.07
N ASP A 287 10.68 6.28 -22.38
CA ASP A 287 9.62 6.70 -23.28
C ASP A 287 8.38 5.81 -23.16
N TYR A 288 8.61 4.50 -23.11
CA TYR A 288 7.51 3.53 -22.99
C TYR A 288 6.76 3.83 -21.69
N GLN A 289 7.51 4.07 -20.63
CA GLN A 289 6.95 4.36 -19.31
C GLN A 289 6.08 5.61 -19.35
N LYS A 290 6.54 6.63 -20.06
CA LYS A 290 5.78 7.88 -20.18
C LYS A 290 4.43 7.57 -20.79
N ASP A 291 4.43 6.74 -21.82
CA ASP A 291 3.19 6.37 -22.49
C ASP A 291 2.30 5.56 -21.56
N LEU A 292 2.89 4.71 -20.73
CA LEU A 292 2.11 3.92 -19.79
C LEU A 292 1.43 4.84 -18.78
N LYS A 293 2.16 5.87 -18.33
CA LYS A 293 1.61 6.81 -17.36
C LYS A 293 0.44 7.56 -17.99
N LYS A 294 0.63 8.00 -19.22
CA LYS A 294 -0.39 8.74 -19.98
C LYS A 294 -1.64 7.87 -20.16
N ALA A 295 -1.44 6.57 -20.31
CA ALA A 295 -2.54 5.63 -20.50
C ALA A 295 -3.17 5.15 -19.20
N GLY A 296 -2.62 5.60 -18.07
CA GLY A 296 -3.15 5.22 -16.78
C GLY A 296 -2.82 3.80 -16.37
N ARG A 297 -1.69 3.26 -16.84
CA ARG A 297 -1.30 1.90 -16.50
C ARG A 297 -0.03 1.78 -15.67
N TRP A 298 0.54 2.93 -15.30
CA TRP A 298 1.74 2.97 -14.47
C TRP A 298 1.38 3.85 -13.28
N HIS A 299 1.05 3.21 -12.15
CA HIS A 299 0.62 3.92 -10.96
C HIS A 299 1.70 4.03 -9.90
N VAL A 300 2.06 5.26 -9.52
CA VAL A 300 3.09 5.46 -8.51
C VAL A 300 2.61 6.37 -7.38
N GLU A 301 2.91 5.96 -6.15
CA GLU A 301 2.52 6.72 -4.99
C GLU A 301 3.61 6.52 -3.93
N THR A 302 4.52 7.47 -3.82
CA THR A 302 5.59 7.36 -2.84
C THR A 302 5.85 8.67 -2.12
N SER A 303 6.62 8.60 -1.04
CA SER A 303 6.96 9.78 -0.25
C SER A 303 7.95 9.40 0.86
PA FAD B . 5.46 14.26 11.87
O1A FAD B . 4.65 14.92 10.84
O2A FAD B . 5.16 14.74 13.28
O5B FAD B . 7.03 14.35 11.55
C5B FAD B . 7.54 14.24 10.24
C4B FAD B . 8.78 15.11 10.00
O4B FAD B . 9.93 14.49 10.59
C3B FAD B . 9.13 15.31 8.53
O3B FAD B . 8.55 16.47 7.95
C2B FAD B . 10.65 15.43 8.53
O2B FAD B . 11.03 16.78 8.69
C1B FAD B . 11.08 14.62 9.76
N9A FAD B . 11.56 13.28 9.36
C8A FAD B . 10.76 12.28 8.86
N7A FAD B . 11.54 11.19 8.63
C5A FAD B . 12.81 11.47 8.98
C6A FAD B . 13.97 10.70 8.94
N6A FAD B . 14.00 9.44 8.47
N1A FAD B . 15.17 11.28 9.36
C2A FAD B . 15.19 12.59 9.82
N3A FAD B . 14.02 13.35 9.85
C4A FAD B . 12.85 12.79 9.44
N1 FAD B . 2.26 6.39 6.48
C2 FAD B . 1.94 5.19 7.01
O2 FAD B . 2.48 4.80 8.06
N3 FAD B . 1.07 4.37 6.34
C4 FAD B . 0.45 4.73 5.16
O4 FAD B . -0.35 3.94 4.61
C4X FAD B . 0.79 5.98 4.62
N5 FAD B . 0.24 6.40 3.45
C5X FAD B . 0.54 7.65 2.92
C6 FAD B . -0.09 8.04 1.77
C7 FAD B . 0.24 9.31 1.22
C7M FAD B . -0.48 9.77 -0.03
C8 FAD B . 1.14 10.14 1.89
C8M FAD B . 1.62 11.44 1.30
C9 FAD B . 1.75 9.73 3.07
C9A FAD B . 1.44 8.49 3.61
N10 FAD B . 2.00 8.06 4.81
C10 FAD B . 1.67 6.82 5.31
C1' FAD B . 2.86 8.99 5.64
C2' FAD B . 1.98 9.81 6.55
O2' FAD B . 1.18 10.75 5.81
C3' FAD B . 2.76 10.63 7.58
O3' FAD B . 3.64 11.50 6.91
C4' FAD B . 3.58 9.76 8.55
O4' FAD B . 2.73 8.96 9.31
C5' FAD B . 4.40 10.67 9.48
O5' FAD B . 3.57 11.65 10.12
P FAD B . 3.70 12.01 11.67
O1P FAD B . 2.69 13.02 11.97
O2P FAD B . 3.72 10.74 12.57
O3P FAD B . 5.17 12.66 11.73
PA NAP C . 10.08 -0.10 6.38
O1A NAP C . 11.02 0.46 7.40
O2A NAP C . 9.19 -1.25 6.94
O5B NAP C . 11.09 -0.71 5.29
C5B NAP C . 10.87 -0.85 3.91
C4B NAP C . 12.15 -1.42 3.28
O4B NAP C . 12.69 -0.52 2.32
C3B NAP C . 13.30 -1.72 4.27
O3B NAP C . 13.72 -3.09 4.06
C2B NAP C . 14.34 -0.61 3.95
O2B NAP C . 15.73 -0.81 4.21
C1B NAP C . 14.11 -0.50 2.44
N9A NAP C . 14.75 0.62 1.72
C8A NAP C . 15.56 1.64 2.19
N7A NAP C . 15.91 2.44 1.13
C5A NAP C . 15.38 1.92 -0.01
C6A NAP C . 15.41 2.30 -1.36
N6A NAP C . 15.93 3.47 -1.72
N1A NAP C . 14.74 1.51 -2.30
C2A NAP C . 14.02 0.41 -1.91
N3A NAP C . 14.00 0.04 -0.58
C4A NAP C . 14.65 0.78 0.35
O3 NAP C . 9.24 1.04 5.57
PN NAP C . 8.00 1.94 6.13
O1N NAP C . 8.43 2.59 7.40
O2N NAP C . 6.70 1.23 6.13
O5D NAP C . 7.93 3.08 5.00
C5D NAP C . 6.83 3.23 4.16
C4D NAP C . 7.08 4.55 3.45
O4D NAP C . 6.31 4.60 2.27
C3D NAP C . 6.74 5.75 4.32
O3D NAP C . 7.93 6.53 4.48
C2D NAP C . 5.63 6.49 3.58
O2D NAP C . 5.84 7.91 3.50
C1D NAP C . 5.67 5.86 2.19
N1N NAP C . 4.29 5.70 1.69
C2N NAP C . 3.91 6.64 0.77
C3N NAP C . 2.66 6.62 0.23
C7N NAP C . 2.23 7.81 -0.57
O7N NAP C . 3.11 8.83 -1.01
N7N NAP C . 0.95 7.92 -0.90
C4N NAP C . 1.80 5.57 0.60
C5N NAP C . 2.21 4.60 1.52
C6N NAP C . 3.52 4.61 2.06
P2B NAP C . 16.47 -1.34 5.56
O1X NAP C . 16.09 -0.50 6.71
O2X NAP C . 15.97 -2.73 5.92
O3X NAP C . 17.97 -1.40 5.37
#